data_5VAW
#
_entry.id   5VAW
#
_cell.length_a   39.557
_cell.length_b   103.040
_cell.length_c   56.195
_cell.angle_alpha   90.000
_cell.angle_beta   98.950
_cell.angle_gamma   90.000
#
_symmetry.space_group_name_H-M   'P 1 21 1'
#
loop_
_entity.id
_entity.type
_entity.pdbx_description
1 polymer 'Maltose-binding periplasmic protein,Type IV pilin PilA'
2 non-polymer (4S)-2-METHYL-2,4-PENTANEDIOL
3 non-polymer 'SODIUM ION'
4 non-polymer 'GLUTAMIC ACID'
5 non-polymer LYSINE
6 non-polymer SERINE
7 water water
#
_entity_poly.entity_id   1
_entity_poly.type   'polypeptide(L)'
_entity_poly.pdbx_seq_one_letter_code
;MKIEEGKLVIWINGDKGYNGLAEVGKKFEKDTGIKVTVEHPDKLEEKFPQVAATGDGPDIIFWAHDRFGGYAQSGLLAEI
TPAAAFQAALYPFTWDAVRYNGKLIAYPIAVEALSLIYNKDLLPNPPKTWEEIPALDKELKAKGKSALMFNLQEPYFTWP
LIAADGGYAFKYAAGKYDIKDVGVDNAGAKAGLTFLVDLIKNKHMNADTDYSIAEAAFNKGETAMTINGPWAWSNIDTSA
VNYGVTVLPTFKGQPSKPFVGVLSAGINAASPNKELAKEFLENYLLTDEGLEAVNKDKPLGAVALKSYEEELAKDPRIAA
TMENAQKGEIMPNIPQMSAFWYAVRTAVINAASGRQTVDAALAAAQTNAAAQYQTYIAKSQVSRAVSESGSLKTVIEDCL
NNGKTTVGEAAGECAIGATGSNILDGAAQSGETLAAGTGVPQVTLANTGAATIVATFGNSASTALKSTPTTVTWTRTTDG
TWTCESTAAEKYNSSACPAALEHHHHHH
;
_entity_poly.pdbx_strand_id   A
#
loop_
_chem_comp.id
_chem_comp.type
_chem_comp.name
_chem_comp.formula
MPD non-polymer (4S)-2-METHYL-2,4-PENTANEDIOL 'C6 H14 O2'
NA non-polymer 'SODIUM ION' 'Na 1'
#
# COMPACT_ATOMS: atom_id res chain seq x y z
N LYS A 2 -15.85 -21.18 -1.26
CA LYS A 2 -14.84 -21.97 -0.58
C LYS A 2 -13.72 -22.37 -1.54
N ILE A 3 -12.48 -22.22 -1.08
CA ILE A 3 -11.33 -22.59 -1.90
C ILE A 3 -11.42 -24.06 -2.28
N GLU A 4 -11.23 -24.34 -3.57
CA GLU A 4 -11.39 -25.69 -4.11
C GLU A 4 -10.05 -26.42 -4.09
N GLU A 5 -10.00 -27.53 -3.36
CA GLU A 5 -8.79 -28.34 -3.30
C GLU A 5 -8.46 -28.91 -4.68
N GLY A 6 -7.17 -28.95 -5.01
CA GLY A 6 -6.69 -29.49 -6.26
C GLY A 6 -6.22 -28.45 -7.26
N LYS A 7 -6.32 -27.16 -6.95
CA LYS A 7 -6.03 -26.12 -7.92
C LYS A 7 -5.57 -24.87 -7.18
N LEU A 8 -4.84 -24.01 -7.90
CA LEU A 8 -4.28 -22.79 -7.34
C LEU A 8 -4.93 -21.58 -7.99
N VAL A 9 -5.44 -20.67 -7.17
CA VAL A 9 -5.96 -19.37 -7.60
C VAL A 9 -5.06 -18.29 -7.02
N ILE A 10 -4.67 -17.32 -7.84
CA ILE A 10 -3.71 -16.29 -7.49
C ILE A 10 -4.34 -14.91 -7.69
N TRP A 11 -4.04 -13.99 -6.78
CA TRP A 11 -4.47 -12.61 -6.87
C TRP A 11 -3.24 -11.71 -6.91
N ILE A 12 -3.19 -10.82 -7.90
CA ILE A 12 -2.08 -9.89 -8.08
C ILE A 12 -2.65 -8.60 -8.64
N ASN A 13 -2.01 -7.48 -8.31
CA ASN A 13 -2.57 -6.19 -8.71
C ASN A 13 -2.51 -6.01 -10.23
N GLY A 14 -3.38 -5.13 -10.73
CA GLY A 14 -3.53 -4.95 -12.17
C GLY A 14 -2.37 -4.25 -12.85
N ASP A 15 -1.46 -3.65 -12.10
CA ASP A 15 -0.30 -2.99 -12.68
C ASP A 15 0.91 -3.91 -12.76
N LYS A 16 0.73 -5.19 -12.44
CA LYS A 16 1.79 -6.18 -12.51
C LYS A 16 1.63 -7.04 -13.76
N GLY A 17 2.67 -7.85 -14.05
CA GLY A 17 2.66 -8.71 -15.21
C GLY A 17 1.84 -9.97 -15.00
N TYR A 18 0.52 -9.81 -14.84
CA TYR A 18 -0.31 -10.96 -14.53
C TYR A 18 -0.40 -11.94 -15.70
N ASN A 19 -0.37 -11.44 -16.94
CA ASN A 19 -0.31 -12.34 -18.08
C ASN A 19 1.01 -13.11 -18.09
N GLY A 20 2.11 -12.44 -17.74
CA GLY A 20 3.38 -13.12 -17.66
C GLY A 20 3.41 -14.15 -16.54
N LEU A 21 2.81 -13.82 -15.40
CA LEU A 21 2.70 -14.80 -14.32
C LEU A 21 1.82 -15.98 -14.74
N ALA A 22 0.75 -15.72 -15.49
CA ALA A 22 -0.10 -16.80 -15.97
C ALA A 22 0.67 -17.75 -16.89
N GLU A 23 1.66 -17.23 -17.63
CA GLU A 23 2.50 -18.08 -18.45
C GLU A 23 3.38 -18.98 -17.59
N VAL A 24 3.94 -18.44 -16.50
CA VAL A 24 4.63 -19.27 -15.53
C VAL A 24 3.71 -20.39 -15.05
N GLY A 25 2.43 -20.07 -14.89
CA GLY A 25 1.48 -21.03 -14.34
C GLY A 25 0.97 -22.08 -15.31
N LYS A 26 0.74 -21.71 -16.57
CA LYS A 26 0.38 -22.72 -17.56
C LYS A 26 1.44 -23.80 -17.64
N LYS A 27 2.71 -23.43 -17.44
CA LYS A 27 3.77 -24.42 -17.33
C LYS A 27 3.55 -25.33 -16.14
N PHE A 28 3.10 -24.78 -15.01
CA PHE A 28 2.91 -25.58 -13.81
C PHE A 28 1.85 -26.65 -14.02
N GLU A 29 0.75 -26.31 -14.69
CA GLU A 29 -0.27 -27.32 -14.98
C GLU A 29 0.23 -28.37 -15.95
N LYS A 30 1.21 -28.03 -16.80
CA LYS A 30 1.76 -29.00 -17.71
C LYS A 30 2.57 -30.06 -16.99
N ASP A 31 3.35 -29.65 -15.99
CA ASP A 31 4.15 -30.57 -15.19
C ASP A 31 3.40 -31.08 -13.96
N THR A 32 2.10 -30.82 -13.89
CA THR A 32 1.24 -31.38 -12.84
C THR A 32 -0.07 -31.83 -13.47
N GLY A 33 -1.16 -31.67 -12.74
CA GLY A 33 -2.49 -31.71 -13.31
C GLY A 33 -3.24 -30.54 -12.74
N ILE A 34 -2.47 -29.62 -12.14
CA ILE A 34 -3.00 -28.55 -11.31
C ILE A 34 -3.18 -27.32 -12.18
N LYS A 35 -4.43 -27.04 -12.56
CA LYS A 35 -4.73 -25.77 -13.22
C LYS A 35 -4.32 -24.62 -12.31
N VAL A 36 -3.97 -23.50 -12.94
CA VAL A 36 -3.72 -22.26 -12.21
C VAL A 36 -4.45 -21.15 -12.94
N THR A 37 -5.00 -20.21 -12.18
CA THR A 37 -5.67 -19.05 -12.73
C THR A 37 -5.17 -17.82 -11.99
N VAL A 38 -4.73 -16.82 -12.76
CA VAL A 38 -4.27 -15.57 -12.20
C VAL A 38 -5.35 -14.52 -12.43
N GLU A 39 -5.82 -13.92 -11.35
CA GLU A 39 -6.84 -12.87 -11.39
C GLU A 39 -6.25 -11.60 -10.80
N HIS A 40 -6.78 -10.46 -11.25
CA HIS A 40 -6.34 -9.15 -10.77
C HIS A 40 -7.56 -8.35 -10.33
N PRO A 41 -8.24 -8.78 -9.27
CA PRO A 41 -9.48 -8.12 -8.88
C PRO A 41 -9.24 -6.71 -8.38
N ASP A 42 -10.23 -5.86 -8.59
CA ASP A 42 -10.21 -4.52 -8.01
C ASP A 42 -10.18 -4.60 -6.49
N LYS A 43 -9.36 -3.76 -5.87
CA LYS A 43 -9.30 -3.63 -4.42
C LYS A 43 -9.03 -4.99 -3.75
N LEU A 44 -8.14 -5.78 -4.35
CA LEU A 44 -7.93 -7.14 -3.86
C LEU A 44 -7.36 -7.15 -2.44
N GLU A 45 -6.62 -6.10 -2.07
CA GLU A 45 -6.05 -6.05 -0.72
C GLU A 45 -7.11 -5.80 0.35
N GLU A 46 -8.25 -5.22 -0.03
CA GLU A 46 -9.37 -5.08 0.89
C GLU A 46 -10.26 -6.30 0.91
N LYS A 47 -10.46 -6.92 -0.26
CA LYS A 47 -11.29 -8.11 -0.33
C LYS A 47 -10.65 -9.29 0.37
N PHE A 48 -9.32 -9.40 0.30
CA PHE A 48 -8.65 -10.61 0.78
C PHE A 48 -8.95 -10.92 2.25
N PRO A 49 -8.80 -9.99 3.20
CA PRO A 49 -9.11 -10.36 4.59
C PRO A 49 -10.57 -10.75 4.79
N GLN A 50 -11.49 -10.19 3.99
CA GLN A 50 -12.89 -10.54 4.15
C GLN A 50 -13.23 -11.88 3.52
N VAL A 51 -12.62 -12.22 2.38
CA VAL A 51 -12.86 -13.54 1.80
C VAL A 51 -12.14 -14.63 2.60
N ALA A 52 -10.89 -14.37 3.01
CA ALA A 52 -10.12 -15.41 3.70
C ALA A 52 -10.73 -15.77 5.04
N ALA A 53 -11.44 -14.83 5.68
CA ALA A 53 -12.01 -15.10 7.00
C ALA A 53 -12.95 -16.30 6.98
N THR A 54 -13.67 -16.52 5.89
CA THR A 54 -14.63 -17.61 5.79
C THR A 54 -14.08 -18.81 5.03
N GLY A 55 -12.80 -18.80 4.68
CA GLY A 55 -12.23 -19.88 3.92
C GLY A 55 -12.37 -19.75 2.41
N ASP A 56 -12.64 -18.55 1.91
CA ASP A 56 -12.73 -18.27 0.49
C ASP A 56 -11.49 -17.49 0.04
N GLY A 57 -11.49 -17.08 -1.22
CA GLY A 57 -10.43 -16.26 -1.75
C GLY A 57 -9.38 -17.05 -2.49
N PRO A 58 -8.25 -16.41 -2.78
CA PRO A 58 -7.19 -17.07 -3.55
C PRO A 58 -6.31 -17.94 -2.67
N ASP A 59 -5.54 -18.81 -3.33
CA ASP A 59 -4.51 -19.58 -2.63
C ASP A 59 -3.26 -18.75 -2.39
N ILE A 60 -2.96 -17.82 -3.28
CA ILE A 60 -1.79 -16.95 -3.19
C ILE A 60 -2.24 -15.52 -3.42
N ILE A 61 -1.66 -14.59 -2.66
CA ILE A 61 -1.90 -13.17 -2.87
C ILE A 61 -0.56 -12.45 -2.98
N PHE A 62 -0.43 -11.62 -4.01
CA PHE A 62 0.75 -10.75 -4.17
C PHE A 62 0.36 -9.35 -3.72
N TRP A 63 1.12 -8.80 -2.78
CA TRP A 63 0.94 -7.42 -2.37
C TRP A 63 2.20 -6.96 -1.65
N ALA A 64 2.29 -5.65 -1.42
CA ALA A 64 3.39 -5.10 -0.64
C ALA A 64 3.38 -5.69 0.75
N HIS A 65 4.59 -5.89 1.31
CA HIS A 65 4.72 -6.58 2.59
C HIS A 65 4.05 -5.83 3.72
N ASP A 66 3.94 -4.50 3.63
CA ASP A 66 3.43 -3.73 4.77
C ASP A 66 1.98 -4.07 5.09
N ARG A 67 1.23 -4.57 4.12
CA ARG A 67 -0.13 -5.03 4.39
C ARG A 67 -0.13 -6.39 5.06
N PHE A 68 0.88 -7.21 4.81
CA PHE A 68 0.88 -8.60 5.27
C PHE A 68 1.03 -8.71 6.78
N GLY A 69 1.53 -7.68 7.45
CA GLY A 69 1.54 -7.69 8.90
C GLY A 69 0.14 -7.74 9.48
N GLY A 70 -0.79 -7.00 8.86
CA GLY A 70 -2.18 -7.04 9.31
C GLY A 70 -2.84 -8.38 9.01
N TYR A 71 -2.62 -8.92 7.81
CA TYR A 71 -3.15 -10.25 7.51
C TYR A 71 -2.60 -11.28 8.49
N ALA A 72 -1.29 -11.22 8.77
CA ALA A 72 -0.67 -12.19 9.67
C ALA A 72 -1.23 -12.06 11.07
N GLN A 73 -1.38 -10.82 11.57
CA GLN A 73 -1.98 -10.61 12.88
C GLN A 73 -3.35 -11.26 12.97
N SER A 74 -4.11 -11.24 11.88
CA SER A 74 -5.43 -11.86 11.84
C SER A 74 -5.36 -13.36 11.58
N GLY A 75 -4.16 -13.93 11.48
CA GLY A 75 -4.02 -15.35 11.20
C GLY A 75 -4.51 -15.76 9.82
N LEU A 76 -4.43 -14.85 8.84
CA LEU A 76 -4.93 -15.12 7.50
C LEU A 76 -3.85 -15.63 6.54
N LEU A 77 -2.58 -15.57 6.93
CA LEU A 77 -1.49 -16.09 6.12
C LEU A 77 -0.89 -17.32 6.76
N ALA A 78 -0.48 -18.28 5.93
CA ALA A 78 0.18 -19.47 6.45
C ALA A 78 1.66 -19.20 6.63
N GLU A 79 2.22 -19.72 7.73
CA GLU A 79 3.66 -19.69 7.91
C GLU A 79 4.32 -20.55 6.84
N ILE A 80 5.33 -20.01 6.18
CA ILE A 80 6.11 -20.77 5.22
C ILE A 80 7.39 -21.21 5.88
N THR A 81 7.89 -22.37 5.47
CA THR A 81 9.12 -22.96 6.01
C THR A 81 10.05 -23.33 4.87
N PRO A 82 10.62 -22.33 4.19
CA PRO A 82 11.54 -22.65 3.10
C PRO A 82 12.85 -23.20 3.64
N ALA A 83 13.43 -24.15 2.91
CA ALA A 83 14.71 -24.70 3.31
C ALA A 83 15.80 -23.63 3.17
N ALA A 84 16.92 -23.87 3.85
CA ALA A 84 18.03 -22.92 3.80
C ALA A 84 18.53 -22.74 2.37
N ALA A 85 18.52 -23.81 1.58
CA ALA A 85 18.96 -23.72 0.18
C ALA A 85 18.13 -22.70 -0.60
N PHE A 86 16.82 -22.61 -0.32
CA PHE A 86 16.02 -21.62 -1.00
C PHE A 86 16.18 -20.24 -0.40
N GLN A 87 16.30 -20.15 0.92
CA GLN A 87 16.45 -18.84 1.56
C GLN A 87 17.73 -18.15 1.10
N ALA A 88 18.81 -18.92 0.94
CA ALA A 88 20.07 -18.36 0.46
C ALA A 88 20.00 -17.85 -0.96
N ALA A 89 18.91 -18.10 -1.69
CA ALA A 89 18.75 -17.60 -3.05
C ALA A 89 18.18 -16.19 -3.10
N LEU A 90 17.74 -15.65 -1.96
CA LEU A 90 17.17 -14.31 -1.88
C LEU A 90 18.02 -13.46 -0.95
N TYR A 91 18.05 -12.15 -1.22
CA TYR A 91 18.83 -11.24 -0.39
C TYR A 91 18.31 -11.28 1.04
N PRO A 92 19.20 -11.36 2.04
CA PRO A 92 18.73 -11.54 3.43
C PRO A 92 17.76 -10.49 3.91
N PHE A 93 17.93 -9.22 3.52
CA PHE A 93 17.05 -8.18 4.04
C PHE A 93 15.62 -8.32 3.52
N THR A 94 15.42 -9.00 2.40
CA THR A 94 14.05 -9.17 1.89
C THR A 94 13.27 -10.15 2.76
N TRP A 95 13.94 -11.16 3.33
CA TRP A 95 13.26 -12.05 4.26
C TRP A 95 12.79 -11.31 5.51
N ASP A 96 13.53 -10.27 5.94
CA ASP A 96 13.11 -9.48 7.08
C ASP A 96 11.75 -8.82 6.85
N ALA A 97 11.43 -8.46 5.60
CA ALA A 97 10.17 -7.80 5.30
C ALA A 97 8.96 -8.72 5.44
N VAL A 98 9.16 -10.03 5.39
CA VAL A 98 8.05 -10.97 5.46
C VAL A 98 8.08 -11.76 6.76
N ARG A 99 8.73 -11.23 7.78
CA ARG A 99 8.72 -11.82 9.11
C ARG A 99 7.64 -11.15 9.95
N TYR A 100 6.86 -11.97 10.65
CA TYR A 100 5.89 -11.48 11.62
C TYR A 100 5.97 -12.35 12.86
N ASN A 101 6.33 -11.74 13.99
CA ASN A 101 6.54 -12.47 15.25
C ASN A 101 7.53 -13.60 15.07
N GLY A 102 8.64 -13.31 14.39
CA GLY A 102 9.67 -14.31 14.16
C GLY A 102 9.28 -15.46 13.26
N LYS A 103 8.16 -15.37 12.54
CA LYS A 103 7.73 -16.39 11.62
C LYS A 103 7.72 -15.83 10.20
N LEU A 104 8.17 -16.64 9.25
CA LEU A 104 8.11 -16.24 7.84
C LEU A 104 6.67 -16.33 7.35
N ILE A 105 6.22 -15.27 6.68
CA ILE A 105 4.80 -15.09 6.38
C ILE A 105 4.49 -14.98 4.89
N ALA A 106 5.52 -14.87 4.04
CA ALA A 106 5.34 -14.71 2.60
C ALA A 106 6.70 -14.88 1.95
N TYR A 107 6.67 -14.97 0.61
CA TYR A 107 7.88 -15.04 -0.21
C TYR A 107 8.18 -13.68 -0.81
N PRO A 108 9.36 -13.11 -0.59
CA PRO A 108 9.73 -11.85 -1.26
C PRO A 108 9.87 -12.05 -2.76
N ILE A 109 9.45 -11.04 -3.53
CA ILE A 109 9.48 -11.10 -4.99
C ILE A 109 10.27 -9.92 -5.55
N ALA A 110 9.81 -8.70 -5.26
CA ALA A 110 10.40 -7.49 -5.83
C ALA A 110 10.72 -6.50 -4.72
N VAL A 111 11.63 -5.57 -5.03
CA VAL A 111 12.15 -4.60 -4.08
C VAL A 111 12.05 -3.21 -4.69
N GLU A 112 11.41 -2.29 -3.97
CA GLU A 112 11.29 -0.92 -4.46
C GLU A 112 11.72 0.06 -3.37
N ALA A 113 12.33 1.15 -3.81
CA ALA A 113 12.71 2.25 -2.93
C ALA A 113 12.92 3.49 -3.78
N LEU A 114 12.94 4.64 -3.13
CA LEU A 114 13.17 5.88 -3.84
C LEU A 114 14.62 5.95 -4.31
N SER A 115 14.82 6.64 -5.43
CA SER A 115 16.15 6.98 -5.91
C SER A 115 16.20 8.45 -6.28
N LEU A 116 17.40 8.95 -6.54
CA LEU A 116 17.59 10.28 -7.12
C LEU A 116 17.50 10.18 -8.64
N ILE A 117 16.50 10.84 -9.23
CA ILE A 117 16.33 10.90 -10.68
C ILE A 117 16.80 12.25 -11.16
N TYR A 118 17.62 12.28 -12.21
CA TYR A 118 18.23 13.53 -12.64
C TYR A 118 18.23 13.62 -14.17
N ASN A 119 18.24 14.87 -14.66
CA ASN A 119 18.22 15.18 -16.08
C ASN A 119 19.66 15.29 -16.56
N LYS A 120 20.14 14.28 -17.30
CA LYS A 120 21.53 14.26 -17.72
C LYS A 120 21.93 15.49 -18.52
N ASP A 121 20.99 16.07 -19.28
CA ASP A 121 21.33 17.25 -20.08
C ASP A 121 21.52 18.49 -19.20
N LEU A 122 20.72 18.60 -18.13
CA LEU A 122 20.84 19.74 -17.22
C LEU A 122 21.93 19.55 -16.19
N LEU A 123 22.20 18.29 -15.81
CA LEU A 123 23.02 18.00 -14.64
C LEU A 123 23.75 16.68 -14.88
N PRO A 124 24.83 16.72 -15.65
CA PRO A 124 25.59 15.48 -15.88
C PRO A 124 26.32 14.98 -14.64
N ASN A 125 26.60 15.86 -13.68
CA ASN A 125 27.32 15.50 -12.45
C ASN A 125 26.41 15.71 -11.24
N PRO A 126 25.42 14.82 -11.05
CA PRO A 126 24.47 15.03 -9.96
C PRO A 126 25.15 14.91 -8.60
N PRO A 127 24.67 15.63 -7.59
CA PRO A 127 25.42 15.75 -6.35
C PRO A 127 25.40 14.45 -5.54
N LYS A 128 26.51 14.20 -4.86
CA LYS A 128 26.58 13.06 -3.96
C LYS A 128 26.16 13.41 -2.54
N THR A 129 25.98 14.69 -2.22
CA THR A 129 25.65 15.12 -0.87
C THR A 129 24.48 16.10 -0.90
N TRP A 130 23.64 16.02 0.11
CA TRP A 130 22.59 17.01 0.28
C TRP A 130 23.18 18.39 0.49
N GLU A 131 24.34 18.46 1.16
CA GLU A 131 24.92 19.74 1.55
C GLU A 131 25.20 20.65 0.36
N GLU A 132 25.55 20.08 -0.79
CA GLU A 132 25.90 20.88 -1.95
C GLU A 132 24.71 21.27 -2.81
N ILE A 133 23.49 20.90 -2.41
CA ILE A 133 22.31 21.23 -3.20
C ILE A 133 22.03 22.73 -3.19
N PRO A 134 22.13 23.43 -2.06
CA PRO A 134 21.90 24.90 -2.11
C PRO A 134 22.73 25.64 -3.14
N ALA A 135 24.04 25.39 -3.17
CA ALA A 135 24.92 26.06 -4.13
C ALA A 135 24.58 25.65 -5.56
N LEU A 136 24.29 24.37 -5.79
CA LEU A 136 23.94 23.91 -7.12
C LEU A 136 22.61 24.51 -7.57
N ASP A 137 21.69 24.70 -6.63
CA ASP A 137 20.40 25.32 -6.98
C ASP A 137 20.60 26.76 -7.43
N LYS A 138 21.50 27.49 -6.78
CA LYS A 138 21.77 28.86 -7.20
C LYS A 138 22.40 28.88 -8.58
N GLU A 139 23.26 27.91 -8.89
CA GLU A 139 23.93 27.91 -10.19
C GLU A 139 22.95 27.52 -11.29
N LEU A 140 22.15 26.48 -11.06
CA LEU A 140 21.17 26.07 -12.06
C LEU A 140 20.18 27.17 -12.34
N LYS A 141 19.73 27.89 -11.30
CA LYS A 141 18.76 28.97 -11.52
C LYS A 141 19.38 30.09 -12.35
N ALA A 142 20.69 30.31 -12.22
CA ALA A 142 21.35 31.23 -13.14
C ALA A 142 21.38 30.70 -14.57
N LYS A 143 21.12 29.41 -14.76
CA LYS A 143 21.03 28.82 -16.08
C LYS A 143 19.61 28.45 -16.47
N GLY A 144 18.61 28.98 -15.77
CA GLY A 144 17.22 28.84 -16.15
C GLY A 144 16.48 27.64 -15.63
N LYS A 145 17.03 26.93 -14.63
CA LYS A 145 16.42 25.70 -14.12
C LYS A 145 16.63 25.61 -12.61
N SER A 146 15.74 24.89 -11.94
CA SER A 146 15.88 24.65 -10.51
C SER A 146 16.57 23.31 -10.27
N ALA A 147 17.12 23.15 -9.07
CA ALA A 147 17.91 21.96 -8.78
C ALA A 147 17.04 20.74 -8.52
N LEU A 148 16.00 20.90 -7.70
CA LEU A 148 15.34 19.73 -7.13
C LEU A 148 13.88 20.05 -6.81
N MET A 149 12.98 19.22 -7.30
CA MET A 149 11.57 19.27 -6.92
C MET A 149 11.10 17.86 -6.66
N PHE A 150 10.54 17.62 -5.47
CA PHE A 150 9.93 16.34 -5.17
C PHE A 150 8.79 16.58 -4.18
N ASN A 151 7.97 15.56 -3.99
CA ASN A 151 6.77 15.65 -3.18
C ASN A 151 7.11 15.94 -1.71
N LEU A 152 6.77 17.13 -1.22
CA LEU A 152 6.97 17.48 0.17
C LEU A 152 5.72 17.27 1.03
N GLN A 153 4.60 16.86 0.42
CA GLN A 153 3.36 16.67 1.20
C GLN A 153 3.28 15.30 1.86
N GLU A 154 4.05 14.32 1.37
CA GLU A 154 4.04 12.97 1.91
CA GLU A 154 4.04 12.97 1.91
C GLU A 154 5.39 12.65 2.52
N PRO A 155 5.47 12.46 3.85
CA PRO A 155 6.79 12.23 4.48
C PRO A 155 7.53 11.01 3.94
N TYR A 156 6.85 10.09 3.26
CA TYR A 156 7.54 8.99 2.61
C TYR A 156 8.69 9.51 1.74
N PHE A 157 8.49 10.66 1.09
CA PHE A 157 9.48 11.14 0.12
C PHE A 157 10.63 11.88 0.80
N THR A 158 10.39 12.58 1.90
CA THR A 158 11.47 13.24 2.63
C THR A 158 12.16 12.33 3.63
N TRP A 159 11.56 11.19 3.94
CA TRP A 159 12.14 10.27 4.93
C TRP A 159 13.59 9.87 4.64
N PRO A 160 14.03 9.64 3.40
CA PRO A 160 15.44 9.27 3.21
C PRO A 160 16.42 10.28 3.79
N LEU A 161 16.09 11.56 3.73
CA LEU A 161 16.95 12.57 4.34
C LEU A 161 16.78 12.63 5.85
N ILE A 162 15.54 12.54 6.33
CA ILE A 162 15.26 12.62 7.75
CA ILE A 162 15.26 12.62 7.75
C ILE A 162 15.97 11.50 8.50
N ALA A 163 15.96 10.30 7.93
CA ALA A 163 16.53 9.13 8.59
C ALA A 163 18.02 8.94 8.32
N ALA A 164 18.66 9.85 7.57
CA ALA A 164 20.06 9.65 7.20
C ALA A 164 20.98 9.71 8.42
N ASP A 165 20.93 10.81 9.17
CA ASP A 165 21.84 10.99 10.29
C ASP A 165 21.51 10.01 11.41
N GLY A 166 22.49 9.20 11.80
CA GLY A 166 22.29 8.32 12.94
C GLY A 166 22.23 9.04 14.26
N GLY A 167 22.74 10.27 14.31
CA GLY A 167 22.77 11.02 15.54
C GLY A 167 23.79 10.54 16.56
N TYR A 168 24.71 9.66 16.16
CA TYR A 168 25.71 9.16 17.11
C TYR A 168 26.67 10.27 17.52
N ALA A 169 26.85 11.28 16.69
CA ALA A 169 27.74 12.38 17.03
C ALA A 169 27.14 13.26 18.13
N PHE A 170 25.82 13.46 18.10
CA PHE A 170 25.16 14.26 19.12
C PHE A 170 25.39 13.69 20.51
N LYS A 171 25.50 12.36 20.63
CA LYS A 171 25.78 11.76 21.92
C LYS A 171 27.11 12.24 22.47
N TYR A 172 28.12 12.38 21.60
CA TYR A 172 29.42 12.86 22.07
C TYR A 172 29.41 14.35 22.34
N ALA A 173 28.55 15.11 21.66
CA ALA A 173 28.40 16.54 21.93
C ALA A 173 27.57 16.81 23.18
N ALA A 174 26.88 15.80 23.71
CA ALA A 174 26.05 15.98 24.91
C ALA A 174 26.68 15.27 26.10
N VAL A 184 18.94 7.19 17.12
CA VAL A 184 18.99 6.68 18.50
C VAL A 184 17.78 7.20 19.27
N ASP A 185 17.72 8.53 19.41
CA ASP A 185 16.56 9.19 19.99
C ASP A 185 15.88 9.91 18.86
N ASN A 186 15.98 11.25 18.76
CA ASN A 186 15.46 12.00 17.63
CA ASN A 186 15.45 12.00 17.63
C ASN A 186 16.46 13.01 17.08
N ALA A 187 17.70 12.99 17.58
CA ALA A 187 18.69 13.99 17.18
C ALA A 187 18.98 13.93 15.69
N GLY A 188 19.17 12.73 15.14
CA GLY A 188 19.42 12.62 13.72
C GLY A 188 18.25 13.12 12.89
N ALA A 189 17.03 12.78 13.30
CA ALA A 189 15.85 13.25 12.58
C ALA A 189 15.70 14.76 12.68
N LYS A 190 16.06 15.34 13.83
CA LYS A 190 16.08 16.79 13.95
C LYS A 190 17.05 17.41 12.95
N ALA A 191 18.24 16.83 12.81
CA ALA A 191 19.22 17.38 11.88
C ALA A 191 18.72 17.31 10.45
N GLY A 192 18.13 16.19 10.05
CA GLY A 192 17.59 16.07 8.70
C GLY A 192 16.42 17.01 8.45
N LEU A 193 15.48 17.06 9.39
CA LEU A 193 14.34 17.97 9.27
C LEU A 193 14.81 19.42 9.21
N THR A 194 15.75 19.80 10.07
CA THR A 194 16.26 21.17 10.06
C THR A 194 16.86 21.52 8.70
N PHE A 195 17.60 20.58 8.11
CA PHE A 195 18.18 20.84 6.78
C PHE A 195 17.08 20.97 5.72
N LEU A 196 16.07 20.11 5.80
CA LEU A 196 14.92 20.21 4.89
C LEU A 196 14.23 21.56 5.05
N VAL A 197 13.97 21.96 6.30
CA VAL A 197 13.31 23.23 6.56
C VAL A 197 14.15 24.40 6.06
N ASP A 198 15.48 24.28 6.14
CA ASP A 198 16.34 25.37 5.68
C ASP A 198 16.35 25.47 4.16
N LEU A 199 16.31 24.33 3.47
CA LEU A 199 16.14 24.36 2.01
C LEU A 199 14.91 25.17 1.62
N ILE A 200 13.81 24.96 2.33
CA ILE A 200 12.56 25.63 1.99
C ILE A 200 12.63 27.12 2.32
N LYS A 201 13.13 27.46 3.51
CA LYS A 201 13.21 28.87 3.88
C LYS A 201 14.18 29.63 2.99
N ASN A 202 15.24 28.98 2.52
CA ASN A 202 16.17 29.62 1.60
C ASN A 202 15.70 29.56 0.16
N LYS A 203 14.48 29.04 -0.07
CA LYS A 203 13.81 29.04 -1.36
C LYS A 203 14.51 28.16 -2.38
N HIS A 204 15.13 27.08 -1.94
CA HIS A 204 15.59 26.05 -2.85
C HIS A 204 14.51 25.01 -3.13
N MET A 205 13.48 24.96 -2.30
CA MET A 205 12.28 24.17 -2.55
C MET A 205 11.07 24.94 -2.03
N ASN A 206 9.90 24.61 -2.54
CA ASN A 206 8.66 25.20 -2.09
C ASN A 206 7.90 24.22 -1.21
N ALA A 207 7.33 24.72 -0.11
CA ALA A 207 6.65 23.83 0.82
C ALA A 207 5.38 23.23 0.22
N ASP A 208 4.82 23.86 -0.82
CA ASP A 208 3.58 23.39 -1.45
C ASP A 208 3.80 22.39 -2.57
N THR A 209 5.05 22.09 -2.92
CA THR A 209 5.32 21.16 -4.00
C THR A 209 4.78 19.78 -3.66
N ASP A 210 3.90 19.25 -4.52
CA ASP A 210 3.35 17.93 -4.30
C ASP A 210 3.83 16.98 -5.39
N TYR A 211 3.22 15.79 -5.44
CA TYR A 211 3.64 14.79 -6.42
C TYR A 211 3.41 15.26 -7.84
N SER A 212 2.21 15.80 -8.11
CA SER A 212 1.87 16.23 -9.46
C SER A 212 2.74 17.39 -9.92
N ILE A 213 3.00 18.35 -9.04
CA ILE A 213 3.81 19.51 -9.43
C ILE A 213 5.25 19.06 -9.76
N ALA A 214 5.82 18.21 -8.90
CA ALA A 214 7.19 17.78 -9.10
C ALA A 214 7.34 16.92 -10.35
N GLU A 215 6.40 15.98 -10.57
CA GLU A 215 6.48 15.13 -11.75
C GLU A 215 6.35 15.95 -13.03
N ALA A 216 5.43 16.91 -13.05
CA ALA A 216 5.27 17.75 -14.24
C ALA A 216 6.52 18.60 -14.48
N ALA A 217 7.12 19.13 -13.42
CA ALA A 217 8.32 19.96 -13.56
C ALA A 217 9.47 19.15 -14.13
N PHE A 218 9.73 17.97 -13.56
CA PHE A 218 10.86 17.18 -14.06
C PHE A 218 10.62 16.70 -15.47
N ASN A 219 9.42 16.21 -15.77
CA ASN A 219 9.17 15.65 -17.09
C ASN A 219 9.07 16.72 -18.16
N LYS A 220 8.81 17.97 -17.79
CA LYS A 220 8.86 19.08 -18.72
C LYS A 220 10.26 19.71 -18.82
N GLY A 221 11.23 19.13 -18.13
CA GLY A 221 12.59 19.63 -18.18
C GLY A 221 12.82 20.92 -17.45
N GLU A 222 12.00 21.24 -16.43
CA GLU A 222 12.11 22.50 -15.72
C GLU A 222 12.96 22.41 -14.45
N THR A 223 13.28 21.21 -13.99
CA THR A 223 14.09 21.02 -12.80
C THR A 223 15.09 19.90 -13.07
N ALA A 224 16.28 20.03 -12.48
CA ALA A 224 17.34 19.09 -12.80
C ALA A 224 17.17 17.75 -12.09
N MET A 225 16.46 17.72 -10.96
CA MET A 225 16.36 16.49 -10.17
C MET A 225 14.97 16.33 -9.57
N THR A 226 14.58 15.08 -9.37
CA THR A 226 13.41 14.73 -8.60
C THR A 226 13.73 13.47 -7.80
N ILE A 227 12.86 13.13 -6.87
CA ILE A 227 13.01 11.92 -6.06
C ILE A 227 11.74 11.12 -6.22
N ASN A 228 11.87 9.89 -6.72
CA ASN A 228 10.71 9.08 -7.03
C ASN A 228 11.15 7.63 -7.18
N GLY A 229 10.17 6.76 -7.31
CA GLY A 229 10.43 5.34 -7.39
C GLY A 229 10.23 4.78 -8.78
N PRO A 230 10.41 3.47 -8.93
CA PRO A 230 10.34 2.87 -10.28
C PRO A 230 8.98 3.03 -10.95
N TRP A 231 7.91 3.20 -10.18
CA TRP A 231 6.58 3.37 -10.77
C TRP A 231 6.49 4.62 -11.64
N ALA A 232 7.42 5.56 -11.49
CA ALA A 232 7.37 6.84 -12.18
C ALA A 232 8.19 6.86 -13.46
N TRP A 233 8.92 5.78 -13.76
CA TRP A 233 9.89 5.81 -14.84
C TRP A 233 9.22 5.91 -16.21
N SER A 234 8.13 5.16 -16.41
CA SER A 234 7.53 5.11 -17.74
C SER A 234 7.00 6.47 -18.17
N ASN A 235 6.53 7.29 -17.22
CA ASN A 235 6.11 8.64 -17.56
C ASN A 235 7.30 9.49 -18.04
N ILE A 236 8.46 9.35 -17.39
CA ILE A 236 9.63 10.08 -17.87
C ILE A 236 10.10 9.51 -19.21
N ASP A 237 9.92 8.21 -19.43
CA ASP A 237 10.27 7.63 -20.72
C ASP A 237 9.47 8.28 -21.84
N THR A 238 8.17 8.46 -21.63
CA THR A 238 7.33 9.14 -22.62
C THR A 238 7.79 10.57 -22.84
N SER A 239 8.27 11.25 -21.80
CA SER A 239 8.71 12.62 -21.94
C SER A 239 10.01 12.69 -22.74
N ALA A 240 10.42 13.91 -23.07
CA ALA A 240 11.64 14.13 -23.85
C ALA A 240 12.92 14.04 -23.01
N VAL A 241 12.80 13.78 -21.70
CA VAL A 241 13.93 13.99 -20.79
C VAL A 241 14.94 12.85 -20.93
N ASN A 242 16.21 13.23 -21.10
CA ASN A 242 17.33 12.29 -21.03
C ASN A 242 17.72 12.17 -19.56
N TYR A 243 17.15 11.18 -18.87
CA TYR A 243 17.25 11.11 -17.42
C TYR A 243 18.10 9.93 -16.96
N GLY A 244 18.67 10.09 -15.76
CA GLY A 244 19.37 9.00 -15.10
C GLY A 244 18.82 8.79 -13.70
N VAL A 245 19.14 7.63 -13.13
CA VAL A 245 18.66 7.24 -11.81
C VAL A 245 19.86 6.76 -11.00
N THR A 246 20.04 7.31 -9.80
CA THR A 246 21.29 7.11 -9.08
C THR A 246 21.05 7.05 -7.58
N VAL A 247 22.12 6.73 -6.84
CA VAL A 247 22.06 6.68 -5.39
C VAL A 247 21.63 8.03 -4.85
N LEU A 248 20.81 8.00 -3.80
CA LEU A 248 20.41 9.23 -3.14
C LEU A 248 21.65 9.91 -2.54
N PRO A 249 21.63 11.23 -2.38
CA PRO A 249 22.79 11.91 -1.79
C PRO A 249 22.92 11.57 -0.32
N THR A 250 24.14 11.74 0.19
CA THR A 250 24.42 11.52 1.61
C THR A 250 24.09 12.78 2.42
N PHE A 251 23.92 12.59 3.72
CA PHE A 251 23.70 13.71 4.63
C PHE A 251 24.61 13.54 5.83
N LYS A 252 25.37 14.58 6.14
CA LYS A 252 26.39 14.49 7.19
C LYS A 252 27.24 13.24 7.01
N GLY A 253 27.65 13.00 5.77
CA GLY A 253 28.50 11.87 5.42
C GLY A 253 27.85 10.51 5.50
N GLN A 254 26.54 10.43 5.71
CA GLN A 254 25.85 9.16 5.89
C GLN A 254 24.78 8.98 4.81
N PRO A 255 24.54 7.74 4.38
CA PRO A 255 23.59 7.49 3.29
C PRO A 255 22.16 7.87 3.66
N SER A 256 21.44 8.38 2.66
CA SER A 256 19.98 8.47 2.78
C SER A 256 19.41 7.07 2.99
N LYS A 257 18.36 6.99 3.81
CA LYS A 257 17.76 5.72 4.23
C LYS A 257 16.28 5.71 3.83
N PRO A 258 15.98 5.39 2.58
CA PRO A 258 14.57 5.34 2.15
C PRO A 258 13.85 4.11 2.67
N PHE A 259 12.53 4.24 2.76
CA PHE A 259 11.70 3.09 3.11
C PHE A 259 11.70 2.09 1.96
N VAL A 260 11.70 0.81 2.31
CA VAL A 260 11.77 -0.27 1.32
C VAL A 260 10.44 -1.01 1.30
N GLY A 261 9.84 -1.12 0.12
CA GLY A 261 8.64 -1.90 -0.10
C GLY A 261 8.99 -3.19 -0.82
N VAL A 262 8.49 -4.30 -0.30
CA VAL A 262 8.82 -5.63 -0.82
C VAL A 262 7.52 -6.28 -1.30
N LEU A 263 7.30 -6.31 -2.61
CA LEU A 263 6.20 -7.07 -3.17
C LEU A 263 6.39 -8.55 -2.82
N SER A 264 5.39 -9.13 -2.17
CA SER A 264 5.53 -10.47 -1.59
C SER A 264 4.34 -11.33 -1.93
N ALA A 265 4.57 -12.65 -1.97
CA ALA A 265 3.54 -13.64 -2.27
C ALA A 265 3.26 -14.44 -0.99
N GLY A 266 2.10 -14.20 -0.40
CA GLY A 266 1.66 -14.95 0.76
C GLY A 266 0.68 -16.05 0.37
N ILE A 267 0.63 -17.08 1.21
CA ILE A 267 -0.26 -18.23 1.02
C ILE A 267 -1.41 -18.09 1.99
N ASN A 268 -2.64 -18.10 1.46
CA ASN A 268 -3.84 -18.06 2.28
C ASN A 268 -3.82 -19.16 3.33
N ALA A 269 -4.11 -18.79 4.57
CA ALA A 269 -4.07 -19.77 5.65
C ALA A 269 -5.27 -20.70 5.60
N ALA A 270 -6.38 -20.25 5.00
CA ALA A 270 -7.53 -21.11 4.80
C ALA A 270 -7.41 -21.98 3.56
N SER A 271 -6.37 -21.80 2.76
CA SER A 271 -6.21 -22.59 1.56
C SER A 271 -5.95 -24.06 1.91
N PRO A 272 -6.52 -24.99 1.14
CA PRO A 272 -6.16 -26.41 1.30
C PRO A 272 -5.04 -26.89 0.38
N ASN A 273 -4.45 -25.99 -0.41
CA ASN A 273 -3.38 -26.33 -1.35
C ASN A 273 -2.06 -25.67 -0.96
N LYS A 274 -1.75 -25.65 0.35
CA LYS A 274 -0.53 -24.98 0.80
C LYS A 274 0.71 -25.66 0.24
N GLU A 275 0.70 -26.99 0.16
CA GLU A 275 1.84 -27.69 -0.43
CA GLU A 275 1.83 -27.70 -0.42
C GLU A 275 1.94 -27.45 -1.92
N LEU A 276 0.82 -27.22 -2.60
CA LEU A 276 0.84 -26.93 -4.02
C LEU A 276 1.39 -25.53 -4.29
N ALA A 277 0.93 -24.54 -3.51
CA ALA A 277 1.40 -23.17 -3.71
C ALA A 277 2.89 -23.04 -3.41
N LYS A 278 3.36 -23.75 -2.37
CA LYS A 278 4.78 -23.72 -2.03
C LYS A 278 5.64 -24.19 -3.20
N GLU A 279 5.19 -25.24 -3.90
CA GLU A 279 5.94 -25.73 -5.05
C GLU A 279 5.99 -24.72 -6.18
N PHE A 280 4.84 -24.11 -6.49
CA PHE A 280 4.79 -23.16 -7.61
C PHE A 280 5.66 -21.94 -7.35
N LEU A 281 5.62 -21.40 -6.12
CA LEU A 281 6.35 -20.17 -5.85
C LEU A 281 7.85 -20.40 -5.79
N GLU A 282 8.27 -21.50 -5.16
CA GLU A 282 9.69 -21.71 -4.90
C GLU A 282 10.45 -22.18 -6.14
N ASN A 283 9.91 -23.18 -6.84
CA ASN A 283 10.67 -23.84 -7.89
C ASN A 283 10.25 -23.42 -9.30
N TYR A 284 9.21 -22.60 -9.44
CA TYR A 284 8.75 -22.16 -10.75
C TYR A 284 8.78 -20.65 -10.89
N LEU A 285 8.08 -19.91 -10.03
CA LEU A 285 8.07 -18.46 -10.14
C LEU A 285 9.42 -17.85 -9.75
N LEU A 286 9.91 -18.19 -8.56
CA LEU A 286 11.15 -17.59 -8.08
C LEU A 286 12.37 -18.28 -8.71
N THR A 287 12.38 -18.33 -10.03
CA THR A 287 13.53 -18.75 -10.81
C THR A 287 13.89 -17.63 -11.79
N ASP A 288 15.08 -17.74 -12.38
CA ASP A 288 15.44 -16.80 -13.43
C ASP A 288 14.41 -16.83 -14.55
N GLU A 289 13.89 -18.01 -14.87
CA GLU A 289 12.92 -18.15 -15.96
C GLU A 289 11.55 -17.61 -15.53
N GLY A 290 11.10 -17.98 -14.34
CA GLY A 290 9.79 -17.53 -13.88
C GLY A 290 9.71 -16.03 -13.72
N LEU A 291 10.74 -15.43 -13.14
CA LEU A 291 10.74 -13.98 -12.92
C LEU A 291 10.94 -13.21 -14.23
N GLU A 292 11.54 -13.83 -15.24
CA GLU A 292 11.65 -13.15 -16.53
C GLU A 292 10.31 -13.16 -17.26
N ALA A 293 9.55 -14.25 -17.17
CA ALA A 293 8.23 -14.30 -17.81
C ALA A 293 7.32 -13.20 -17.27
N VAL A 294 7.45 -12.86 -15.99
CA VAL A 294 6.69 -11.75 -15.42
C VAL A 294 7.33 -10.42 -15.78
N ASN A 295 8.66 -10.35 -15.75
CA ASN A 295 9.36 -9.11 -16.05
C ASN A 295 9.28 -8.73 -17.52
N LYS A 296 9.08 -9.71 -18.41
CA LYS A 296 8.86 -9.39 -19.81
C LYS A 296 7.50 -8.71 -20.01
N ASP A 297 6.47 -9.22 -19.33
CA ASP A 297 5.15 -8.62 -19.37
C ASP A 297 5.21 -7.20 -18.83
N LYS A 298 5.49 -7.05 -17.54
CA LYS A 298 5.64 -5.73 -16.95
C LYS A 298 6.84 -5.79 -16.00
N PRO A 299 7.73 -4.80 -16.04
CA PRO A 299 8.95 -4.87 -15.24
C PRO A 299 8.65 -4.82 -13.75
N LEU A 300 9.38 -5.65 -13.00
CA LEU A 300 9.27 -5.69 -11.55
C LEU A 300 10.18 -4.69 -10.86
N GLY A 301 11.06 -4.01 -11.60
CA GLY A 301 12.10 -3.23 -10.97
C GLY A 301 13.21 -4.12 -10.45
N ALA A 302 13.69 -3.86 -9.25
CA ALA A 302 14.63 -4.76 -8.60
C ALA A 302 13.89 -5.97 -8.05
N VAL A 303 14.59 -7.10 -7.98
CA VAL A 303 13.99 -8.33 -7.48
C VAL A 303 14.82 -8.84 -6.29
N ALA A 304 14.17 -9.69 -5.49
CA ALA A 304 14.84 -10.29 -4.33
C ALA A 304 15.69 -11.48 -4.71
N LEU A 305 15.43 -12.11 -5.86
CA LEU A 305 16.23 -13.22 -6.33
C LEU A 305 17.62 -12.73 -6.72
N LYS A 306 18.65 -13.26 -6.06
CA LYS A 306 20.01 -12.80 -6.31
C LYS A 306 20.42 -13.01 -7.77
N SER A 307 20.13 -14.19 -8.32
CA SER A 307 20.61 -14.51 -9.66
C SER A 307 20.00 -13.59 -10.71
N TYR A 308 18.70 -13.32 -10.61
CA TYR A 308 18.07 -12.46 -11.61
C TYR A 308 18.41 -10.99 -11.39
N GLU A 309 18.44 -10.55 -10.14
CA GLU A 309 18.79 -9.16 -9.85
C GLU A 309 20.17 -8.81 -10.41
N GLU A 310 21.09 -9.78 -10.42
CA GLU A 310 22.40 -9.52 -11.00
C GLU A 310 22.33 -9.29 -12.50
N GLU A 311 21.36 -9.91 -13.18
CA GLU A 311 21.17 -9.63 -14.60
CA GLU A 311 21.15 -9.64 -14.60
C GLU A 311 20.46 -8.30 -14.83
N LEU A 312 19.66 -7.85 -13.87
CA LEU A 312 18.97 -6.57 -14.04
C LEU A 312 19.86 -5.38 -13.69
N ALA A 313 20.80 -5.56 -12.76
CA ALA A 313 21.68 -4.46 -12.34
C ALA A 313 22.50 -3.88 -13.48
N LYS A 314 22.50 -4.49 -14.67
CA LYS A 314 23.10 -3.85 -15.82
C LYS A 314 22.38 -2.55 -16.16
N ASP A 315 21.06 -2.54 -15.98
CA ASP A 315 20.26 -1.31 -16.04
C ASP A 315 20.65 -0.45 -14.85
N PRO A 316 21.25 0.71 -15.07
CA PRO A 316 21.66 1.55 -13.93
C PRO A 316 20.49 1.98 -13.06
N ARG A 317 19.29 2.12 -13.64
CA ARG A 317 18.12 2.47 -12.84
C ARG A 317 17.77 1.39 -11.84
N ILE A 318 17.85 0.13 -12.25
CA ILE A 318 17.53 -0.98 -11.34
C ILE A 318 18.63 -1.15 -10.31
N ALA A 319 19.90 -0.99 -10.74
CA ALA A 319 21.02 -1.06 -9.80
C ALA A 319 20.91 0.00 -8.72
N ALA A 320 20.56 1.23 -9.11
CA ALA A 320 20.41 2.30 -8.13
C ALA A 320 19.26 2.03 -7.17
N THR A 321 18.17 1.44 -7.67
CA THR A 321 17.03 1.10 -6.81
C THR A 321 17.46 0.14 -5.71
N MET A 322 18.17 -0.93 -6.09
CA MET A 322 18.60 -1.91 -5.09
C MET A 322 19.62 -1.32 -4.14
N GLU A 323 20.50 -0.44 -4.63
CA GLU A 323 21.51 0.18 -3.77
C GLU A 323 20.86 1.06 -2.71
N ASN A 324 19.89 1.88 -3.13
CA ASN A 324 19.15 2.70 -2.17
C ASN A 324 18.35 1.83 -1.20
N ALA A 325 17.76 0.74 -1.70
CA ALA A 325 17.01 -0.16 -0.84
C ALA A 325 17.89 -0.79 0.23
N GLN A 326 19.10 -1.23 -0.17
CA GLN A 326 20.01 -1.85 0.79
C GLN A 326 20.51 -0.88 1.84
N LYS A 327 20.52 0.41 1.55
CA LYS A 327 20.90 1.42 2.53
C LYS A 327 19.72 1.98 3.31
N GLY A 328 18.50 1.56 3.01
CA GLY A 328 17.30 2.05 3.67
C GLY A 328 16.81 1.13 4.77
N GLU A 329 15.52 1.27 5.08
CA GLU A 329 14.89 0.43 6.10
CA GLU A 329 14.88 0.44 6.11
C GLU A 329 13.57 -0.10 5.59
N ILE A 330 13.24 -1.33 5.99
CA ILE A 330 12.01 -1.96 5.54
C ILE A 330 10.81 -1.19 6.09
N MET A 331 9.80 -0.99 5.25
CA MET A 331 8.60 -0.27 5.65
C MET A 331 7.96 -0.97 6.84
N PRO A 332 7.50 -0.22 7.85
CA PRO A 332 6.93 -0.86 9.04
C PRO A 332 5.67 -1.63 8.69
N ASN A 333 5.50 -2.79 9.32
CA ASN A 333 4.38 -3.68 9.06
C ASN A 333 3.70 -4.18 10.33
N ILE A 334 4.00 -3.60 11.48
CA ILE A 334 3.42 -4.03 12.75
C ILE A 334 2.19 -3.17 13.02
N PRO A 335 0.98 -3.73 12.99
CA PRO A 335 -0.21 -2.88 13.23
C PRO A 335 -0.18 -2.19 14.58
N GLN A 336 0.41 -2.81 15.60
CA GLN A 336 0.49 -2.17 16.92
C GLN A 336 1.31 -0.89 16.88
N MET A 337 2.14 -0.70 15.86
CA MET A 337 2.96 0.49 15.73
C MET A 337 2.35 1.53 14.80
N SER A 338 1.14 1.29 14.26
CA SER A 338 0.61 2.18 13.23
C SER A 338 0.37 3.58 13.78
N ALA A 339 -0.13 3.67 15.01
CA ALA A 339 -0.40 4.98 15.60
C ALA A 339 0.90 5.74 15.81
N PHE A 340 1.95 5.05 16.23
CA PHE A 340 3.25 5.69 16.35
C PHE A 340 3.69 6.30 15.02
N TRP A 341 3.64 5.50 13.95
CA TRP A 341 4.09 6.00 12.65
C TRP A 341 3.19 7.09 12.09
N TYR A 342 1.89 7.06 12.44
CA TYR A 342 1.01 8.15 12.04
C TYR A 342 1.40 9.46 12.71
N ALA A 343 1.82 9.39 13.98
CA ALA A 343 2.34 10.55 14.68
C ALA A 343 3.64 11.04 14.06
N VAL A 344 4.52 10.11 13.70
CA VAL A 344 5.77 10.48 13.01
C VAL A 344 5.47 11.23 11.72
N ARG A 345 4.52 10.69 10.93
CA ARG A 345 4.13 11.36 9.69
C ARG A 345 3.58 12.75 9.97
N THR A 346 2.78 12.89 11.03
CA THR A 346 2.19 14.19 11.35
C THR A 346 3.27 15.20 11.74
N ALA A 347 4.26 14.76 12.51
CA ALA A 347 5.33 15.66 12.91
C ALA A 347 6.14 16.13 11.71
N VAL A 348 6.40 15.23 10.76
CA VAL A 348 7.20 15.61 9.59
C VAL A 348 6.46 16.66 8.76
N ILE A 349 5.16 16.48 8.55
CA ILE A 349 4.39 17.43 7.75
C ILE A 349 4.32 18.78 8.46
N ASN A 350 4.12 18.77 9.78
CA ASN A 350 4.04 20.04 10.50
C ASN A 350 5.35 20.81 10.41
N ALA A 351 6.47 20.11 10.45
CA ALA A 351 7.76 20.78 10.35
C ALA A 351 8.01 21.28 8.93
N ALA A 352 7.87 20.39 7.95
CA ALA A 352 8.13 20.76 6.55
C ALA A 352 7.21 21.88 6.09
N SER A 353 5.93 21.85 6.48
CA SER A 353 4.99 22.89 6.09
C SER A 353 5.21 24.20 6.82
N GLY A 354 6.09 24.23 7.83
CA GLY A 354 6.25 25.44 8.60
C GLY A 354 5.14 25.69 9.61
N ARG A 355 4.24 24.74 9.78
CA ARG A 355 3.20 24.86 10.80
C ARG A 355 3.79 24.87 12.20
N GLN A 356 4.91 24.17 12.41
CA GLN A 356 5.56 24.07 13.71
CA GLN A 356 5.55 24.11 13.70
C GLN A 356 7.06 24.14 13.53
N THR A 357 7.74 24.55 14.59
CA THR A 357 9.20 24.42 14.60
C THR A 357 9.55 22.94 14.60
N VAL A 358 10.79 22.64 14.21
CA VAL A 358 11.24 21.25 14.22
C VAL A 358 11.13 20.66 15.62
N ASP A 359 11.50 21.45 16.64
CA ASP A 359 11.43 20.97 18.02
C ASP A 359 9.99 20.74 18.46
N ALA A 360 9.12 21.73 18.24
CA ALA A 360 7.74 21.59 18.67
C ALA A 360 7.02 20.50 17.88
N ALA A 361 7.35 20.32 16.59
CA ALA A 361 6.65 19.30 15.80
C ALA A 361 6.92 17.91 16.36
N LEU A 362 8.17 17.62 16.68
CA LEU A 362 8.53 16.31 17.18
C LEU A 362 8.09 16.07 18.61
N ALA A 363 7.31 17.00 19.18
CA ALA A 363 6.73 16.82 20.51
C ALA A 363 5.22 17.02 20.57
N ALA A 364 4.60 17.62 19.54
CA ALA A 364 3.16 17.89 19.56
C ALA A 364 2.35 16.65 19.21
N ALA A 371 -4.06 16.45 14.42
CA ALA A 371 -4.55 15.36 13.59
C ALA A 371 -4.48 14.04 14.35
N GLN A 372 -5.64 13.56 14.79
CA GLN A 372 -5.70 12.33 15.56
C GLN A 372 -5.68 11.13 14.62
N TYR A 373 -4.91 10.11 15.01
CA TYR A 373 -4.97 8.83 14.32
C TYR A 373 -6.38 8.25 14.35
N GLN A 374 -7.13 8.49 15.44
CA GLN A 374 -8.50 8.02 15.51
C GLN A 374 -9.35 8.61 14.39
N THR A 375 -9.12 9.88 14.04
CA THR A 375 -9.92 10.50 12.99
C THR A 375 -9.71 9.81 11.65
N TYR A 376 -8.46 9.47 11.34
CA TYR A 376 -8.16 8.74 10.12
C TYR A 376 -8.84 7.39 10.11
N ILE A 377 -8.76 6.66 11.22
CA ILE A 377 -9.37 5.33 11.29
C ILE A 377 -10.89 5.44 11.21
N ALA A 378 -11.48 6.36 11.98
CA ALA A 378 -12.94 6.49 12.01
C ALA A 378 -13.49 6.88 10.65
N LYS A 379 -12.88 7.87 9.99
CA LYS A 379 -13.29 8.25 8.64
C LYS A 379 -13.16 7.09 7.68
N SER A 380 -12.06 6.33 7.77
CA SER A 380 -11.86 5.19 6.88
CA SER A 380 -11.87 5.20 6.88
C SER A 380 -12.90 4.11 7.13
N GLN A 381 -13.23 3.84 8.39
CA GLN A 381 -14.21 2.80 8.70
C GLN A 381 -15.61 3.24 8.32
N VAL A 382 -15.95 4.52 8.52
CA VAL A 382 -17.25 5.02 8.07
C VAL A 382 -17.35 4.91 6.54
N SER A 383 -16.33 5.38 5.83
CA SER A 383 -16.33 5.30 4.37
CA SER A 383 -16.34 5.30 4.37
C SER A 383 -16.45 3.86 3.91
N ARG A 384 -15.75 2.94 4.59
CA ARG A 384 -15.84 1.53 4.25
C ARG A 384 -17.25 1.00 4.45
N ALA A 385 -17.89 1.32 5.59
CA ALA A 385 -19.27 0.88 5.80
C ALA A 385 -20.21 1.46 4.75
N VAL A 386 -20.01 2.72 4.38
CA VAL A 386 -20.84 3.33 3.33
C VAL A 386 -20.70 2.58 2.02
N SER A 387 -19.47 2.18 1.67
CA SER A 387 -19.26 1.49 0.41
CA SER A 387 -19.26 1.48 0.41
C SER A 387 -19.75 0.04 0.48
N GLU A 388 -19.49 -0.64 1.60
CA GLU A 388 -19.94 -2.01 1.76
C GLU A 388 -21.46 -2.11 1.68
N SER A 389 -22.15 -1.26 2.43
CA SER A 389 -23.62 -1.24 2.36
C SER A 389 -24.09 -0.76 0.99
N GLY A 390 -23.44 0.27 0.44
CA GLY A 390 -23.86 0.80 -0.85
C GLY A 390 -23.70 -0.21 -1.98
N SER A 391 -22.75 -1.12 -1.86
CA SER A 391 -22.54 -2.12 -2.91
C SER A 391 -23.74 -3.05 -3.07
N LEU A 392 -24.63 -3.10 -2.08
CA LEU A 392 -25.83 -3.93 -2.13
C LEU A 392 -27.00 -3.26 -2.85
N LYS A 393 -26.87 -1.96 -3.17
CA LYS A 393 -27.97 -1.26 -3.83
C LYS A 393 -28.32 -1.89 -5.17
N THR A 394 -27.30 -2.16 -6.01
CA THR A 394 -27.57 -2.73 -7.33
C THR A 394 -28.22 -4.12 -7.22
N VAL A 395 -27.85 -4.89 -6.19
CA VAL A 395 -28.50 -6.18 -5.93
C VAL A 395 -29.97 -5.97 -5.62
N ILE A 396 -30.27 -5.01 -4.74
CA ILE A 396 -31.64 -4.75 -4.34
C ILE A 396 -32.46 -4.21 -5.51
N GLU A 397 -31.85 -3.37 -6.37
CA GLU A 397 -32.55 -2.93 -7.57
C GLU A 397 -32.96 -4.13 -8.43
N ASP A 398 -32.05 -5.09 -8.59
CA ASP A 398 -32.35 -6.29 -9.36
C ASP A 398 -33.54 -7.04 -8.77
N CYS A 399 -33.58 -7.17 -7.44
CA CYS A 399 -34.70 -7.85 -6.80
C CYS A 399 -36.00 -7.08 -6.98
N LEU A 400 -36.00 -5.80 -6.63
CA LEU A 400 -37.24 -5.01 -6.65
C LEU A 400 -37.80 -4.91 -8.06
N ASN A 401 -36.95 -4.64 -9.04
CA ASN A 401 -37.43 -4.50 -10.41
C ASN A 401 -37.79 -5.84 -11.04
N ASN A 402 -37.48 -6.96 -10.39
CA ASN A 402 -37.98 -8.26 -10.77
C ASN A 402 -39.03 -8.79 -9.79
N GLY A 403 -39.65 -7.89 -9.01
CA GLY A 403 -40.82 -8.24 -8.24
C GLY A 403 -40.57 -9.00 -6.95
N LYS A 404 -39.33 -9.03 -6.47
CA LYS A 404 -38.99 -9.79 -5.27
C LYS A 404 -38.84 -8.84 -4.09
N THR A 405 -39.65 -9.06 -3.05
CA THR A 405 -39.73 -8.14 -1.93
C THR A 405 -39.51 -8.80 -0.57
N THR A 406 -39.11 -10.07 -0.53
CA THR A 406 -38.73 -10.71 0.73
C THR A 406 -37.26 -11.09 0.66
N VAL A 407 -36.51 -10.72 1.69
CA VAL A 407 -35.10 -11.06 1.78
C VAL A 407 -34.99 -12.50 2.26
N GLY A 408 -34.13 -13.27 1.63
CA GLY A 408 -33.97 -14.65 2.06
C GLY A 408 -33.24 -15.47 1.01
N GLU A 409 -33.01 -16.73 1.39
CA GLU A 409 -32.23 -17.66 0.56
C GLU A 409 -33.09 -18.56 -0.30
N ALA A 410 -34.40 -18.60 -0.06
CA ALA A 410 -35.28 -19.45 -0.83
C ALA A 410 -35.56 -18.83 -2.20
N ALA A 411 -36.05 -19.67 -3.11
CA ALA A 411 -36.39 -19.20 -4.45
C ALA A 411 -37.54 -18.20 -4.37
N GLY A 412 -37.48 -17.17 -5.22
CA GLY A 412 -38.44 -16.10 -5.18
C GLY A 412 -38.17 -15.05 -4.13
N GLU A 413 -37.20 -15.26 -3.25
CA GLU A 413 -36.78 -14.24 -2.32
C GLU A 413 -35.50 -13.58 -2.82
N CYS A 414 -35.18 -12.42 -2.23
CA CYS A 414 -34.02 -11.64 -2.65
C CYS A 414 -32.80 -12.12 -1.87
N ALA A 415 -31.87 -12.77 -2.56
CA ALA A 415 -30.63 -13.24 -1.95
C ALA A 415 -29.59 -12.13 -1.98
N ILE A 416 -29.16 -11.68 -0.79
CA ILE A 416 -28.33 -10.48 -0.74
C ILE A 416 -26.90 -10.78 -1.19
N GLY A 417 -26.37 -11.94 -0.86
CA GLY A 417 -24.99 -12.24 -1.19
C GLY A 417 -23.98 -11.33 -0.52
N ALA A 418 -24.31 -10.82 0.67
CA ALA A 418 -23.40 -9.93 1.38
C ALA A 418 -22.16 -10.67 1.87
N THR A 419 -21.09 -9.89 2.09
CA THR A 419 -19.81 -10.38 2.58
C THR A 419 -19.61 -9.85 3.99
N GLY A 420 -19.26 -10.74 4.91
CA GLY A 420 -19.08 -10.32 6.30
C GLY A 420 -17.94 -9.31 6.44
N SER A 421 -18.15 -8.34 7.33
CA SER A 421 -17.21 -7.26 7.56
C SER A 421 -16.92 -7.18 9.06
N ASN A 422 -15.65 -7.06 9.43
CA ASN A 422 -15.33 -7.13 10.85
C ASN A 422 -15.55 -5.82 11.59
N ILE A 423 -16.07 -4.78 10.94
CA ILE A 423 -16.45 -3.57 11.65
C ILE A 423 -17.96 -3.45 11.78
N LEU A 424 -18.70 -4.50 11.44
CA LEU A 424 -20.16 -4.48 11.43
C LEU A 424 -20.72 -5.57 12.33
N ASP A 425 -21.91 -5.33 12.85
CA ASP A 425 -22.64 -6.33 13.61
C ASP A 425 -23.99 -6.55 12.94
N GLY A 426 -24.24 -7.78 12.52
CA GLY A 426 -25.46 -8.09 11.78
C GLY A 426 -25.42 -9.47 11.15
N ALA A 427 -26.35 -10.34 11.55
CA ALA A 427 -26.36 -11.71 11.06
C ALA A 427 -26.75 -11.75 9.59
N ALA A 428 -26.31 -12.81 8.91
CA ALA A 428 -26.65 -12.96 7.50
C ALA A 428 -28.14 -13.19 7.34
N GLN A 429 -28.69 -12.65 6.26
CA GLN A 429 -30.12 -12.77 5.98
C GLN A 429 -30.46 -13.69 4.81
N SER A 430 -29.46 -14.12 4.04
CA SER A 430 -29.71 -14.89 2.84
C SER A 430 -28.85 -16.15 2.77
N GLY A 431 -28.52 -16.73 3.92
CA GLY A 431 -27.76 -17.96 3.94
C GLY A 431 -26.26 -17.81 3.86
N GLU A 432 -25.74 -16.59 3.74
CA GLU A 432 -24.31 -16.39 3.73
C GLU A 432 -23.68 -16.93 5.01
N THR A 433 -22.44 -17.38 4.91
CA THR A 433 -21.65 -17.81 6.06
C THR A 433 -20.79 -16.65 6.52
N LEU A 434 -20.89 -16.30 7.79
CA LEU A 434 -20.13 -15.21 8.38
C LEU A 434 -19.14 -15.78 9.40
N ALA A 435 -17.96 -15.20 9.45
CA ALA A 435 -17.03 -15.54 10.51
C ALA A 435 -17.43 -14.80 11.78
N ALA A 436 -17.05 -15.35 12.92
CA ALA A 436 -17.31 -14.67 14.18
C ALA A 436 -16.66 -13.29 14.17
N GLY A 437 -17.30 -12.35 14.85
CA GLY A 437 -16.77 -11.01 14.86
C GLY A 437 -16.93 -10.25 13.56
N THR A 438 -17.78 -10.74 12.66
CA THR A 438 -18.14 -10.02 11.44
C THR A 438 -19.66 -9.92 11.36
N GLY A 439 -20.14 -8.97 10.55
CA GLY A 439 -21.55 -8.78 10.31
C GLY A 439 -21.76 -8.21 8.92
N VAL A 440 -23.02 -8.20 8.49
CA VAL A 440 -23.35 -7.69 7.16
C VAL A 440 -24.38 -6.57 7.35
N PRO A 441 -24.47 -5.64 6.40
CA PRO A 441 -25.55 -4.65 6.46
C PRO A 441 -26.89 -5.38 6.38
N GLN A 442 -27.88 -4.84 7.08
CA GLN A 442 -29.20 -5.46 7.20
C GLN A 442 -30.16 -4.82 6.21
N VAL A 443 -30.81 -5.66 5.40
CA VAL A 443 -31.65 -5.21 4.30
C VAL A 443 -33.10 -5.46 4.65
N THR A 444 -33.93 -4.44 4.49
CA THR A 444 -35.39 -4.57 4.59
C THR A 444 -36.01 -4.06 3.29
N LEU A 445 -36.99 -4.80 2.80
CA LEU A 445 -37.71 -4.47 1.59
C LEU A 445 -39.18 -4.32 1.90
N ALA A 446 -39.88 -3.61 1.04
CA ALA A 446 -41.33 -3.44 1.17
C ALA A 446 -41.96 -3.62 -0.20
N ASN A 447 -43.21 -4.11 -0.20
CA ASN A 447 -43.92 -4.29 -1.46
C ASN A 447 -44.07 -2.99 -2.24
N THR A 448 -43.93 -1.84 -1.56
CA THR A 448 -43.99 -0.54 -2.22
C THR A 448 -42.74 -0.23 -3.02
N GLY A 449 -41.65 -0.97 -2.82
CA GLY A 449 -40.37 -0.63 -3.41
C GLY A 449 -39.45 0.14 -2.49
N ALA A 450 -39.95 0.65 -1.37
CA ALA A 450 -39.06 1.26 -0.40
C ALA A 450 -38.12 0.19 0.16
N ALA A 451 -36.90 0.60 0.51
CA ALA A 451 -35.95 -0.33 1.08
C ALA A 451 -34.98 0.42 1.98
N THR A 452 -34.40 -0.31 2.92
CA THR A 452 -33.29 0.24 3.70
C THR A 452 -32.15 -0.77 3.76
N ILE A 453 -30.92 -0.25 3.77
CA ILE A 453 -29.72 -1.02 4.02
C ILE A 453 -29.04 -0.36 5.22
N VAL A 454 -29.01 -1.06 6.36
CA VAL A 454 -28.51 -0.49 7.62
C VAL A 454 -27.25 -1.25 8.02
N ALA A 455 -26.13 -0.54 8.05
CA ALA A 455 -24.86 -1.08 8.52
C ALA A 455 -24.64 -0.56 9.94
N THR A 456 -24.64 -1.45 10.91
CA THR A 456 -24.43 -1.11 12.31
C THR A 456 -23.00 -1.41 12.71
N PHE A 457 -22.30 -0.40 13.21
CA PHE A 457 -20.92 -0.57 13.63
C PHE A 457 -20.83 -1.44 14.88
N GLY A 458 -19.94 -2.41 14.84
CA GLY A 458 -19.75 -3.30 15.98
C GLY A 458 -18.48 -4.09 15.78
N ASN A 459 -18.33 -5.11 16.62
CA ASN A 459 -17.19 -6.02 16.56
C ASN A 459 -15.88 -5.24 16.59
N SER A 460 -15.10 -5.24 15.50
CA SER A 460 -13.80 -4.60 15.52
C SER A 460 -13.82 -3.17 14.99
N ALA A 461 -15.00 -2.54 14.91
CA ALA A 461 -15.05 -1.11 14.63
C ALA A 461 -14.41 -0.33 15.77
N SER A 462 -13.92 0.87 15.46
CA SER A 462 -13.29 1.73 16.45
C SER A 462 -14.29 2.08 17.55
N THR A 463 -13.77 2.24 18.76
CA THR A 463 -14.58 2.78 19.87
C THR A 463 -15.22 4.10 19.49
N ALA A 464 -14.57 4.88 18.61
CA ALA A 464 -15.17 6.11 18.10
C ALA A 464 -16.52 5.82 17.46
N LEU A 465 -16.71 4.62 16.91
CA LEU A 465 -17.95 4.26 16.23
C LEU A 465 -18.83 3.29 17.01
N LYS A 466 -18.35 2.76 18.14
CA LYS A 466 -19.14 1.85 18.96
C LYS A 466 -19.57 2.43 20.30
N SER A 467 -19.06 3.61 20.67
CA SER A 467 -19.33 4.12 22.02
C SER A 467 -20.78 4.55 22.21
N THR A 468 -21.49 4.81 21.12
CA THR A 468 -22.93 4.98 21.07
C THR A 468 -23.44 4.16 19.88
N PRO A 469 -24.71 3.78 19.87
CA PRO A 469 -25.27 3.11 18.68
C PRO A 469 -25.12 4.00 17.46
N THR A 470 -24.45 3.46 16.44
CA THR A 470 -24.06 4.24 15.28
C THR A 470 -24.29 3.42 14.02
N THR A 471 -24.90 4.05 13.01
CA THR A 471 -25.29 3.35 11.79
C THR A 471 -24.97 4.20 10.57
N VAL A 472 -24.80 3.51 9.45
CA VAL A 472 -24.87 4.09 8.11
C VAL A 472 -26.04 3.41 7.42
N THR A 473 -26.94 4.21 6.85
CA THR A 473 -28.20 3.69 6.32
C THR A 473 -28.43 4.23 4.92
N TRP A 474 -28.58 3.32 3.96
CA TRP A 474 -29.04 3.67 2.62
C TRP A 474 -30.55 3.46 2.59
N THR A 475 -31.29 4.49 2.19
CA THR A 475 -32.74 4.43 2.12
CA THR A 475 -32.75 4.43 2.12
C THR A 475 -33.18 4.60 0.68
N ARG A 476 -33.98 3.66 0.20
CA ARG A 476 -34.54 3.69 -1.15
C ARG A 476 -35.96 4.23 -1.07
N THR A 477 -36.23 5.30 -1.81
CA THR A 477 -37.59 5.80 -1.91
C THR A 477 -38.31 5.06 -3.04
N THR A 478 -39.63 5.18 -3.06
CA THR A 478 -40.42 4.36 -3.98
C THR A 478 -40.23 4.73 -5.45
N ASP A 479 -39.52 5.81 -5.74
CA ASP A 479 -39.18 6.17 -7.11
C ASP A 479 -37.87 5.52 -7.56
N GLY A 480 -37.15 4.88 -6.64
CA GLY A 480 -35.91 4.22 -6.97
C GLY A 480 -34.67 5.04 -6.73
N THR A 481 -34.79 6.20 -6.08
CA THR A 481 -33.66 7.02 -5.67
C THR A 481 -33.16 6.55 -4.32
N TRP A 482 -31.83 6.60 -4.14
CA TRP A 482 -31.20 6.24 -2.88
C TRP A 482 -30.54 7.46 -2.25
N THR A 483 -30.58 7.54 -0.92
CA THR A 483 -29.77 8.49 -0.16
C THR A 483 -29.17 7.78 1.04
N CYS A 484 -28.06 8.31 1.54
CA CYS A 484 -27.34 7.71 2.66
C CYS A 484 -27.32 8.67 3.84
N GLU A 485 -27.49 8.12 5.04
CA GLU A 485 -27.46 8.89 6.28
C GLU A 485 -26.62 8.17 7.32
N SER A 486 -25.76 8.92 8.00
CA SER A 486 -24.90 8.39 9.04
C SER A 486 -25.27 8.99 10.39
N THR A 487 -25.25 8.17 11.43
CA THR A 487 -25.35 8.68 12.79
C THR A 487 -23.97 8.75 13.46
N ALA A 488 -22.90 8.57 12.70
CA ALA A 488 -21.58 8.91 13.20
C ALA A 488 -21.41 10.43 13.24
N ALA A 489 -20.46 10.87 14.06
CA ALA A 489 -20.14 12.29 14.12
C ALA A 489 -19.80 12.82 12.73
N GLU A 490 -20.22 14.05 12.46
CA GLU A 490 -19.92 14.67 11.17
C GLU A 490 -18.42 14.79 10.95
N LYS A 491 -17.63 14.84 12.03
CA LYS A 491 -16.18 14.82 11.94
C LYS A 491 -15.69 13.58 11.21
N TYR A 492 -16.43 12.48 11.27
CA TYR A 492 -16.01 11.23 10.65
C TYR A 492 -16.78 10.92 9.36
N ASN A 493 -17.65 11.80 8.92
CA ASN A 493 -18.51 11.54 7.77
C ASN A 493 -17.92 12.15 6.50
N SER A 494 -18.51 11.78 5.38
CA SER A 494 -18.18 12.36 4.09
C SER A 494 -19.46 12.82 3.42
N SER A 495 -19.31 13.60 2.35
CA SER A 495 -20.46 14.11 1.62
C SER A 495 -21.34 12.99 1.10
N ALA A 496 -20.79 11.80 0.89
CA ALA A 496 -21.55 10.66 0.38
C ALA A 496 -22.63 10.18 1.35
N CYS A 497 -22.48 10.45 2.64
CA CYS A 497 -23.40 9.93 3.65
C CYS A 497 -23.38 10.85 4.86
N PRO A 498 -23.99 12.02 4.77
CA PRO A 498 -23.93 12.98 5.88
C PRO A 498 -24.85 12.60 7.02
N ALA A 499 -24.60 13.23 8.15
CA ALA A 499 -25.53 13.13 9.27
C ALA A 499 -26.80 13.91 8.95
N ALA A 500 -27.88 13.55 9.65
CA ALA A 500 -29.14 14.26 9.50
C ALA A 500 -29.04 15.66 10.11
C1 MPD B . 5.67 4.83 6.25
C2 MPD B . 4.33 5.24 6.86
O2 MPD B . 3.29 4.99 5.90
CM MPD B . 4.09 4.38 8.10
C3 MPD B . 4.27 6.72 7.24
C4 MPD B . 5.59 7.46 7.14
O4 MPD B . 5.35 8.81 6.85
C5 MPD B . 6.33 7.39 8.48
NA NA C . 14.53 27.95 -12.48
N GLU D . -2.92 7.09 2.54
CA GLU D . -3.28 7.42 3.91
C GLU D . -3.94 8.80 3.97
O GLU D . -5.08 8.97 3.53
CB GLU D . -2.06 7.35 4.83
CG GLU D . -2.34 7.60 6.30
CD GLU D . -1.34 6.95 7.22
OE1 GLU D . -1.76 6.18 8.12
OE2 GLU D . -0.13 7.21 7.06
OXT GLU D . -3.34 9.76 4.44
N LYS E . -37.66 -7.10 3.86
CA LYS E . -38.25 -7.77 4.99
C LYS E . -37.76 -9.23 5.01
O LYS E . -37.67 -9.87 3.97
CB LYS E . -39.78 -7.68 4.93
CG LYS E . -40.42 -8.49 3.82
CD LYS E . -41.72 -7.88 3.31
CE LYS E . -42.58 -7.33 4.45
NZ LYS E . -43.95 -6.94 3.99
OXT LYS E . -37.43 -9.75 6.08
N SER F . 1.74 -3.87 -3.35
CA SER F . 2.12 -3.19 -4.58
C SER F . 1.02 -3.37 -5.61
O SER F . 0.47 -4.46 -5.73
CB SER F . 3.46 -3.71 -5.10
OG SER F . 4.47 -3.66 -4.12
OXT SER F . 0.68 -2.43 -6.33
#